data_1EU2
#
_entry.id   1EU2
#
_cell.length_a   1.000
_cell.length_b   1.000
_cell.length_c   1.000
_cell.angle_alpha   90.00
_cell.angle_beta   90.00
_cell.angle_gamma   90.00
#
_symmetry.space_group_name_H-M   'P 1'
#
_entity_poly.entity_id   1
_entity_poly.type   'polydeoxyribonucleotide'
_entity_poly.pdbx_seq_one_letter_code
;(DT)(DG)(DC)(DT)(DC)(DG)(DC)(DT)
;
_entity_poly.pdbx_strand_id   A,B
#